data_5DWW
#
_entry.id   5DWW
#
_cell.length_a   71.610
_cell.length_b   101.230
_cell.length_c   145.450
_cell.angle_alpha   90.00
_cell.angle_beta   90.00
_cell.angle_gamma   90.00
#
_symmetry.space_group_name_H-M   'I 2 2 2'
#
loop_
_entity.id
_entity.type
_entity.pdbx_description
1 polymer 'DNA (25-MER)'
2 polymer "DNA (5'-D(*TP*AP*AP*CP*GP*CP*TP*A)-3')"
3 non-polymer 'POTASSIUM ION'
#
loop_
_entity_poly.entity_id
_entity_poly.type
_entity_poly.pdbx_seq_one_letter_code
_entity_poly.pdbx_strand_id
1 'polydeoxyribonucleotide'
;(DG)(DG)(DG)(DT)(DG)(DG)(DG)(DT)(DG)(DG)(DG)(DT)(DT)(DG)(DG)(DG)(DT)(DT)(DA)(DG)
(DC)(DG)(DT)(DT)(DA)
;
A,C,E,G
2 'polydeoxyribonucleotide' (DT)(DA)(DA)(DC)(DG)(DC)(DT)(DA) B,D,F,H
#
loop_
_chem_comp.id
_chem_comp.type
_chem_comp.name
_chem_comp.formula
DA DNA linking 2'-DEOXYADENOSINE-5'-MONOPHOSPHATE 'C10 H14 N5 O6 P'
DC DNA linking 2'-DEOXYCYTIDINE-5'-MONOPHOSPHATE 'C9 H14 N3 O7 P'
DG DNA linking 2'-DEOXYGUANOSINE-5'-MONOPHOSPHATE 'C10 H14 N5 O7 P'
DT DNA linking THYMIDINE-5'-MONOPHOSPHATE 'C10 H15 N2 O8 P'
K non-polymer 'POTASSIUM ION' 'K 1'
#
# COMPACT_ATOMS: atom_id res chain seq x y z
K K I . -2.51 6.33 -13.33
K K J . -8.13 2.45 -13.17
K K K . -5.24 4.29 -13.20
K K L . 3.21 9.98 -13.49
K K M . 0.32 8.14 -13.44
K K N . -3.38 -9.30 11.96
K K O . -0.33 -7.88 12.64
K K P . 2.54 -6.25 13.33
K K Q . 8.20 -3.16 14.58
K K R . 5.32 -4.60 14.11
#